data_5JU7
#
_entry.id   5JU7
#
_cell.length_a   104.140
_cell.length_b   104.140
_cell.length_c   44.000
_cell.angle_alpha   90.00
_cell.angle_beta   90.00
_cell.angle_gamma   120.00
#
_symmetry.space_group_name_H-M   'P 64 2 2'
#
loop_
_entity.id
_entity.type
_entity.pdbx_description
1 polymer 'Transcriptional activator CadC'
2 non-polymer 'ZINC ION'
3 water water
#
_entity_poly.entity_id   1
_entity_poly.type   'polypeptide(L)'
_entity_poly.pdbx_seq_one_letter_code
;GAMAQQPVVRVGEWLVTPSINQISRNGRQLTLEPRLIDLLVFFAQHSGEVLSRDELIDNVWKRSIVTNHVVTQSISELRK
SLKDNDEDSPVYIATVPKRGYKLMVPVIWY
;
_entity_poly.pdbx_strand_id   A
#
# COMPACT_ATOMS: atom_id res chain seq x y z
N ALA A 4 15.97 -10.19 -14.26
CA ALA A 4 14.48 -10.10 -14.40
C ALA A 4 13.93 -10.40 -13.03
N GLN A 5 12.95 -9.63 -12.60
CA GLN A 5 12.61 -9.55 -11.16
C GLN A 5 11.30 -10.23 -10.82
N GLN A 6 11.32 -11.04 -9.77
CA GLN A 6 10.15 -11.82 -9.36
C GLN A 6 9.29 -10.97 -8.42
N PRO A 7 7.96 -10.89 -8.64
CA PRO A 7 7.10 -10.32 -7.62
C PRO A 7 7.04 -11.15 -6.36
N VAL A 8 7.03 -10.47 -5.22
CA VAL A 8 6.99 -11.14 -3.93
C VAL A 8 5.60 -11.32 -3.40
N VAL A 9 4.65 -10.58 -3.93
CA VAL A 9 3.35 -10.59 -3.31
C VAL A 9 2.39 -10.03 -4.30
N ARG A 10 1.15 -10.53 -4.20
CA ARG A 10 0.06 -9.99 -4.91
C ARG A 10 -0.95 -9.35 -3.95
N VAL A 11 -1.27 -8.09 -4.23
CA VAL A 11 -2.25 -7.29 -3.46
C VAL A 11 -3.44 -6.99 -4.36
N GLY A 12 -4.52 -7.74 -4.18
CA GLY A 12 -5.67 -7.49 -4.99
C GLY A 12 -5.26 -7.86 -6.40
N GLU A 13 -5.36 -6.91 -7.34
CA GLU A 13 -5.01 -7.16 -8.72
C GLU A 13 -3.54 -6.82 -9.08
N TRP A 14 -2.75 -6.41 -8.11
CA TRP A 14 -1.39 -5.91 -8.39
C TRP A 14 -0.36 -6.88 -7.80
N LEU A 15 0.59 -7.21 -8.65
CA LEU A 15 1.86 -7.85 -8.26
C LEU A 15 2.81 -6.76 -7.93
N VAL A 16 3.48 -7.00 -6.80
CA VAL A 16 4.40 -6.11 -6.27
C VAL A 16 5.78 -6.71 -6.25
N THR A 17 6.65 -5.93 -6.87
CA THR A 17 8.00 -6.20 -6.90
C THR A 17 8.80 -5.06 -6.21
N PRO A 18 9.09 -5.23 -4.90
CA PRO A 18 9.74 -4.16 -4.14
C PRO A 18 11.17 -3.92 -4.49
N SER A 19 11.87 -4.95 -4.96
CA SER A 19 13.23 -4.73 -5.38
C SER A 19 13.41 -3.57 -6.38
N ILE A 20 12.45 -3.37 -7.26
CA ILE A 20 12.49 -2.25 -8.26
C ILE A 20 11.32 -1.29 -8.05
N ASN A 21 10.69 -1.37 -6.89
CA ASN A 21 9.58 -0.41 -6.56
C ASN A 21 8.44 -0.39 -7.55
N GLN A 22 8.00 -1.59 -7.94
CA GLN A 22 7.08 -1.67 -9.03
C GLN A 22 5.84 -2.39 -8.59
N ILE A 23 4.71 -1.87 -9.10
CA ILE A 23 3.51 -2.62 -9.14
C ILE A 23 3.08 -2.85 -10.55
N SER A 24 2.36 -3.94 -10.71
CA SER A 24 1.92 -4.35 -11.98
C SER A 24 0.56 -5.16 -12.09
N ARG A 25 -0.19 -4.88 -13.16
CA ARG A 25 -1.56 -5.33 -13.38
C ARG A 25 -1.86 -5.49 -14.89
N ASN A 26 -1.91 -6.73 -15.37
CA ASN A 26 -2.50 -7.06 -16.71
C ASN A 26 -1.95 -6.17 -17.80
N GLY A 27 -0.63 -6.01 -17.83
CA GLY A 27 -0.03 -5.12 -18.80
C GLY A 27 -0.25 -3.67 -18.38
N ARG A 28 0.08 -3.43 -17.12
CA ARG A 28 0.24 -2.11 -16.65
C ARG A 28 1.26 -2.24 -15.52
N GLN A 29 2.40 -1.60 -15.74
CA GLN A 29 3.58 -1.53 -14.88
C GLN A 29 3.66 -0.09 -14.40
N LEU A 30 3.97 0.12 -13.12
CA LEU A 30 4.01 1.41 -12.45
C LEU A 30 5.13 1.36 -11.43
N THR A 31 6.06 2.31 -11.45
CA THR A 31 6.99 2.54 -10.38
C THR A 31 6.46 3.53 -9.37
N LEU A 32 6.57 3.22 -8.08
CA LEU A 32 6.16 4.13 -7.03
C LEU A 32 7.37 4.52 -6.29
N GLU A 33 7.22 5.62 -5.60
CA GLU A 33 8.16 6.01 -4.56
C GLU A 33 8.40 4.87 -3.56
N PRO A 34 9.64 4.72 -3.05
CA PRO A 34 9.97 3.58 -2.15
C PRO A 34 9.17 3.55 -0.84
N ARG A 35 8.91 4.72 -0.28
CA ARG A 35 8.08 4.79 0.92
C ARG A 35 6.65 4.22 0.73
N LEU A 36 6.12 4.44 -0.44
CA LEU A 36 4.82 3.93 -0.78
C LEU A 36 4.76 2.41 -0.96
N ILE A 37 5.85 1.90 -1.51
CA ILE A 37 6.04 0.49 -1.63
C ILE A 37 6.12 -0.06 -0.25
N ASP A 38 6.91 0.59 0.58
CA ASP A 38 7.04 0.11 1.96
C ASP A 38 5.68 0.12 2.68
N LEU A 39 4.90 1.16 2.45
CA LEU A 39 3.55 1.24 3.10
C LEU A 39 2.65 0.11 2.60
N LEU A 40 2.69 -0.12 1.28
CA LEU A 40 1.90 -1.14 0.63
C LEU A 40 2.35 -2.50 1.16
N VAL A 41 3.67 -2.72 1.26
CA VAL A 41 4.16 -3.98 1.80
C VAL A 41 3.73 -4.21 3.27
N PHE A 42 3.78 -3.15 4.05
CA PHE A 42 3.28 -3.23 5.45
C PHE A 42 1.81 -3.59 5.49
N PHE A 43 0.97 -2.95 4.68
CA PHE A 43 -0.40 -3.33 4.68
C PHE A 43 -0.62 -4.82 4.33
N ALA A 44 0.08 -5.30 3.32
CA ALA A 44 -0.01 -6.68 2.86
C ALA A 44 0.41 -7.68 3.92
N GLN A 45 1.46 -7.40 4.69
CA GLN A 45 1.88 -8.24 5.83
C GLN A 45 0.85 -8.28 6.93
N HIS A 46 0.00 -7.23 7.05
CA HIS A 46 -1.01 -7.10 8.13
C HIS A 46 -2.43 -6.94 7.53
N SER A 47 -2.68 -7.71 6.47
CA SER A 47 -3.83 -7.47 5.64
C SER A 47 -5.01 -7.88 6.40
N GLY A 48 -6.11 -7.27 6.00
CA GLY A 48 -7.33 -7.39 6.72
C GLY A 48 -7.15 -7.20 8.21
N GLU A 49 -6.29 -6.25 8.64
CA GLU A 49 -6.20 -5.82 10.06
C GLU A 49 -6.34 -4.30 10.11
N VAL A 50 -7.00 -3.79 11.16
CA VAL A 50 -7.07 -2.35 11.33
C VAL A 50 -5.73 -1.86 11.84
N LEU A 51 -5.10 -0.94 11.08
CA LEU A 51 -3.78 -0.38 11.45
C LEU A 51 -3.95 1.07 11.76
N SER A 52 -3.45 1.48 12.92
CA SER A 52 -3.52 2.88 13.32
C SER A 52 -2.49 3.76 12.65
N ARG A 53 -2.72 5.08 12.65
CA ARG A 53 -1.77 6.04 12.10
C ARG A 53 -0.48 5.76 12.77
N ASP A 54 -0.54 5.48 14.07
CA ASP A 54 0.67 5.29 14.88
C ASP A 54 1.49 4.05 14.43
N GLU A 55 0.82 2.93 14.20
CA GLU A 55 1.47 1.68 13.74
C GLU A 55 2.18 1.93 12.41
N LEU A 56 1.50 2.63 11.51
CA LEU A 56 2.06 3.01 10.18
C LEU A 56 3.27 3.92 10.33
N ILE A 57 3.23 4.88 11.21
CA ILE A 57 4.37 5.77 11.38
C ILE A 57 5.64 5.01 11.87
N ASP A 58 5.41 4.20 12.89
CA ASP A 58 6.42 3.51 13.61
C ASP A 58 7.14 2.52 12.68
N ASN A 59 6.34 1.85 11.87
CA ASN A 59 6.86 0.80 11.00
C ASN A 59 7.29 1.22 9.66
N VAL A 60 6.68 2.23 9.06
CA VAL A 60 6.97 2.59 7.69
C VAL A 60 7.83 3.82 7.66
N TRP A 61 7.72 4.72 8.65
CA TRP A 61 8.64 5.87 8.74
C TRP A 61 9.68 5.73 9.88
N LYS A 62 10.11 4.52 10.22
CA LYS A 62 11.25 4.29 11.16
C LYS A 62 12.42 5.31 11.00
N ARG A 63 12.86 5.91 12.12
CA ARG A 63 14.01 6.82 12.11
C ARG A 63 13.79 8.03 11.15
N SER A 64 12.54 8.53 11.14
CA SER A 64 12.15 9.85 10.64
C SER A 64 10.98 10.19 11.55
N ILE A 65 10.83 11.47 11.87
CA ILE A 65 9.63 11.95 12.54
C ILE A 65 8.79 12.50 11.41
N VAL A 66 7.48 12.33 11.50
CA VAL A 66 6.61 12.81 10.45
C VAL A 66 5.41 13.21 11.19
N THR A 67 4.51 13.89 10.51
CA THR A 67 3.33 14.32 11.13
C THR A 67 2.36 13.30 10.80
N ASN A 68 1.31 13.26 11.61
CA ASN A 68 0.10 12.48 11.31
C ASN A 68 -0.39 12.76 9.93
N HIS A 69 -0.16 13.97 9.48
CA HIS A 69 -0.64 14.42 8.18
C HIS A 69 0.19 13.91 6.92
N VAL A 70 1.49 13.65 7.10
CA VAL A 70 2.28 12.95 6.05
C VAL A 70 1.66 11.59 5.78
N VAL A 71 1.15 10.98 6.81
CA VAL A 71 0.65 9.65 6.66
C VAL A 71 -0.59 9.73 5.82
N THR A 72 -1.42 10.70 6.14
CA THR A 72 -2.71 10.83 5.46
C THR A 72 -2.44 11.19 4.01
N GLN A 73 -1.44 11.99 3.69
CA GLN A 73 -1.21 12.24 2.28
C GLN A 73 -0.49 11.10 1.51
N SER A 74 0.26 10.29 2.23
CA SER A 74 0.81 9.07 1.68
C SER A 74 -0.23 8.07 1.38
N ILE A 75 -1.13 7.91 2.33
CA ILE A 75 -2.30 7.07 2.06
C ILE A 75 -3.06 7.53 0.79
N SER A 76 -3.34 8.84 0.61
CA SER A 76 -4.07 9.27 -0.59
C SER A 76 -3.26 8.99 -1.83
N GLU A 77 -1.96 9.15 -1.79
CA GLU A 77 -1.11 8.83 -2.98
C GLU A 77 -1.08 7.35 -3.36
N LEU A 78 -0.97 6.47 -2.37
CA LEU A 78 -1.09 5.04 -2.58
C LEU A 78 -2.47 4.63 -3.09
N ARG A 79 -3.57 5.12 -2.49
CA ARG A 79 -4.92 4.86 -3.07
C ARG A 79 -5.01 5.26 -4.52
N LYS A 80 -4.48 6.43 -4.82
CA LYS A 80 -4.51 6.88 -6.16
C LYS A 80 -3.69 6.00 -7.10
N SER A 81 -2.47 5.63 -6.75
CA SER A 81 -1.78 4.69 -7.60
C SER A 81 -2.48 3.34 -7.71
N LEU A 82 -3.01 2.79 -6.60
CA LEU A 82 -3.71 1.48 -6.69
C LEU A 82 -4.98 1.51 -7.53
N LYS A 83 -5.65 2.66 -7.54
CA LYS A 83 -6.83 2.83 -8.41
C LYS A 83 -6.42 3.00 -9.88
N ASP A 84 -5.33 3.71 -10.13
CA ASP A 84 -4.82 3.84 -11.48
C ASP A 84 -5.90 4.29 -12.47
N ASN A 85 -6.69 5.25 -12.03
CA ASN A 85 -7.72 5.81 -12.89
C ASN A 85 -8.83 4.89 -13.35
N ASP A 86 -9.03 3.76 -12.70
CA ASP A 86 -10.04 2.75 -13.11
C ASP A 86 -11.16 2.87 -12.10
N GLU A 87 -12.26 3.48 -12.49
CA GLU A 87 -13.40 3.80 -11.57
C GLU A 87 -14.13 2.53 -11.06
N ASP A 88 -13.97 1.45 -11.82
CA ASP A 88 -14.40 0.14 -11.41
C ASP A 88 -13.57 -0.62 -10.40
N SER A 89 -12.44 -0.07 -9.99
CA SER A 89 -11.54 -0.60 -8.93
C SER A 89 -12.18 -0.79 -7.55
N PRO A 90 -11.88 -1.93 -6.89
CA PRO A 90 -12.27 -1.92 -5.48
C PRO A 90 -11.54 -0.87 -4.69
N VAL A 91 -12.06 -0.69 -3.48
CA VAL A 91 -11.34 -0.17 -2.38
C VAL A 91 -10.23 -1.16 -1.96
N TYR A 92 -9.05 -0.61 -1.95
CA TYR A 92 -7.83 -1.29 -1.54
C TYR A 92 -7.61 -1.02 -0.05
N ILE A 93 -7.52 0.27 0.27
CA ILE A 93 -7.29 0.71 1.62
C ILE A 93 -8.52 1.44 2.15
N ALA A 94 -9.20 0.84 3.12
CA ALA A 94 -10.39 1.47 3.71
C ALA A 94 -10.05 2.18 4.95
N THR A 95 -10.68 3.35 5.10
CA THR A 95 -10.61 4.11 6.34
C THR A 95 -11.56 3.47 7.34
N VAL A 96 -11.07 3.12 8.53
CA VAL A 96 -11.91 2.68 9.63
C VAL A 96 -12.12 3.89 10.57
N PRO A 97 -13.36 4.38 10.63
CA PRO A 97 -13.50 5.63 11.37
C PRO A 97 -12.94 5.60 12.79
N LYS A 98 -12.23 6.68 13.13
CA LYS A 98 -11.57 6.89 14.44
C LYS A 98 -10.41 5.90 14.81
N ARG A 99 -10.08 4.96 13.91
CA ARG A 99 -9.21 3.84 14.21
C ARG A 99 -7.98 3.63 13.31
N GLY A 100 -8.12 4.01 12.04
CA GLY A 100 -7.03 4.00 11.10
C GLY A 100 -7.50 3.41 9.77
N TYR A 101 -6.77 2.39 9.29
CA TYR A 101 -6.90 1.90 7.91
C TYR A 101 -6.84 0.40 7.83
N LYS A 102 -7.45 -0.17 6.80
CA LYS A 102 -7.46 -1.62 6.67
C LYS A 102 -7.32 -2.01 5.22
N LEU A 103 -6.42 -2.95 4.93
CA LEU A 103 -6.32 -3.41 3.56
C LEU A 103 -7.44 -4.41 3.19
N MET A 104 -8.27 -4.06 2.20
CA MET A 104 -9.50 -4.79 1.97
C MET A 104 -9.42 -5.81 0.84
N VAL A 105 -8.27 -6.07 0.26
CA VAL A 105 -8.23 -6.94 -0.93
C VAL A 105 -7.50 -8.23 -0.55
N PRO A 106 -7.64 -9.29 -1.37
CA PRO A 106 -6.89 -10.51 -1.16
C PRO A 106 -5.40 -10.30 -1.40
N VAL A 107 -4.60 -10.92 -0.53
CA VAL A 107 -3.11 -10.93 -0.62
C VAL A 107 -2.59 -12.36 -0.88
N ILE A 108 -1.76 -12.54 -1.91
CA ILE A 108 -1.03 -13.81 -2.04
C ILE A 108 0.46 -13.55 -1.95
N TRP A 109 1.15 -14.20 -0.98
CA TRP A 109 2.63 -14.19 -0.89
C TRP A 109 3.27 -15.24 -1.78
N TYR A 110 4.36 -14.83 -2.46
CA TYR A 110 5.15 -15.69 -3.36
C TYR A 110 6.59 -15.83 -2.81
#